data_5DFJ
#
_entry.id   5DFJ
#
_cell.length_a   44.462
_cell.length_b   60.668
_cell.length_c   73.161
_cell.angle_alpha   82.78
_cell.angle_beta   80.28
_cell.angle_gamma   89.20
#
_symmetry.space_group_name_H-M   'P 1'
#
loop_
_entity.id
_entity.type
_entity.pdbx_description
1 polymer 'DNA-(apurinic or apyrimidinic site) lyase'
2 polymer "DNA (5'-D(*GP*CP*TP*GP*AP*TP*GP*CP*GP*TP*(3DR)P*CP*GP*AP*CP*GP*GP*AP*TP*CP*C)-3')"
3 polymer "DNA (5'-D(*GP*GP*AP*TP*CP*CP*GP*TP*CP*GP*GP*GP*CP*GP*CP*AP*TP*CP*AP*GP*C)-3')"
4 non-polymer 'CHLORIDE ION'
5 non-polymer 1,2-ETHANEDIOL
6 water water
#
loop_
_entity_poly.entity_id
_entity_poly.type
_entity_poly.pdbx_seq_one_letter_code
_entity_poly.pdbx_strand_id
1 'polypeptide(L)'
;ALYEDPPDQKTSPSGKPATLKICSWNVDGLRAWIKKKGLDWVKEEAPDILCLQQTKCSENKLPAELQELPGLSHQYWSAP
SDKEGYSGVGLLSRQCPLKVSYGIGDEEHDQEGRVIVAEFDSFVLVTAYVPNAGRGLVRLEYRQRWDEAFRKFLKGLASR
KPLVLCGNLNVAHEEIDLRNPKGNKKNAGFTPQERQGFGELLQAVPLADSFRHLYPNTPYAYTFWTYMMNARSKNVGWRL
DYFLLSHSLLPALCDSKIRSKALGSDHCPITLYLAL
;
A,B
2 'polydeoxyribonucleotide'
;(DG)(DC)(DT)(DG)(DA)(DT)(DG)(DC)(DG)(DT)(3DR)(DC)(DG)(DA)(DC)(DG)(DG)(DA)(DT)
(DC)(DC)
;
P
3 'polydeoxyribonucleotide'
;(DG)(DG)(DA)(DT)(DC)(DC)(DG)(DT)(DC)(DG)(DG)(DG)(DC)(DG)(DC)(DA)(DT)(DC)(DA)(DG)
(DC)
;
V
#
# COMPACT_ATOMS: atom_id res chain seq x y z
N ALA A 1 -17.59 -32.45 24.55
CA ALA A 1 -17.79 -31.50 23.46
C ALA A 1 -16.45 -30.96 22.98
N LEU A 2 -15.35 -31.61 23.35
CA LEU A 2 -14.04 -31.27 22.78
C LEU A 2 -13.98 -31.72 21.34
N TYR A 3 -13.01 -31.18 20.60
CA TYR A 3 -12.88 -31.45 19.17
C TYR A 3 -11.44 -31.81 18.79
N GLU A 4 -11.29 -32.85 17.95
CA GLU A 4 -9.99 -33.25 17.38
C GLU A 4 -10.08 -33.17 15.88
N ASP A 5 -9.38 -32.22 15.29
CA ASP A 5 -9.37 -32.05 13.84
C ASP A 5 -8.81 -33.35 13.24
N PRO A 6 -9.44 -33.89 12.19
CA PRO A 6 -8.93 -35.14 11.61
C PRO A 6 -7.61 -34.95 10.89
N PRO A 7 -6.94 -36.06 10.52
CA PRO A 7 -5.64 -35.94 9.86
C PRO A 7 -5.68 -35.15 8.55
N ASP A 8 -4.55 -34.56 8.18
CA ASP A 8 -4.44 -33.81 6.93
C ASP A 8 -4.59 -34.70 5.69
N GLN A 9 -5.54 -34.37 4.83
CA GLN A 9 -5.71 -35.06 3.57
C GLN A 9 -4.83 -34.25 2.64
N LYS A 10 -3.94 -34.89 1.89
CA LYS A 10 -3.04 -34.13 1.04
C LYS A 10 -3.12 -34.48 -0.41
N THR A 11 -4.22 -35.12 -0.78
CA THR A 11 -4.46 -35.42 -2.21
C THR A 11 -5.90 -35.10 -2.57
N SER A 12 -6.08 -34.66 -3.81
CA SER A 12 -7.38 -34.17 -4.27
C SER A 12 -8.27 -35.36 -4.66
N PRO A 13 -9.55 -35.10 -4.92
CA PRO A 13 -10.48 -36.21 -5.26
C PRO A 13 -9.98 -37.04 -6.45
N SER A 14 -9.33 -36.38 -7.41
CA SER A 14 -8.76 -37.05 -8.58
C SER A 14 -7.35 -37.62 -8.35
N GLY A 15 -6.85 -37.53 -7.12
CA GLY A 15 -5.59 -38.15 -6.77
C GLY A 15 -4.36 -37.27 -6.97
N LYS A 16 -4.53 -35.97 -7.19
CA LYS A 16 -3.38 -35.10 -7.38
C LYS A 16 -2.89 -34.59 -6.02
N PRO A 17 -1.57 -34.56 -5.83
CA PRO A 17 -0.97 -34.17 -4.54
C PRO A 17 -1.11 -32.67 -4.31
N ALA A 18 -1.30 -32.28 -3.07
CA ALA A 18 -1.28 -30.86 -2.70
C ALA A 18 0.05 -30.25 -3.10
N THR A 19 -0.02 -29.09 -3.71
CA THR A 19 1.16 -28.30 -4.05
C THR A 19 1.22 -26.94 -3.36
N LEU A 20 0.11 -26.57 -2.72
CA LEU A 20 -0.04 -25.24 -2.16
C LEU A 20 -0.65 -25.33 -0.78
N LYS A 21 0.04 -24.79 0.24
CA LYS A 21 -0.47 -24.74 1.61
C LYS A 21 -0.61 -23.30 2.04
N ILE A 22 -1.84 -22.89 2.33
CA ILE A 22 -2.14 -21.52 2.80
C ILE A 22 -2.61 -21.58 4.26
N CYS A 23 -1.98 -20.78 5.11
CA CYS A 23 -2.40 -20.68 6.51
C CYS A 23 -2.95 -19.28 6.77
N SER A 24 -4.10 -19.24 7.46
CA SER A 24 -4.74 -18.00 7.86
C SER A 24 -4.89 -17.96 9.38
N TRP A 25 -4.52 -16.83 9.97
CA TRP A 25 -4.54 -16.72 11.42
C TRP A 25 -4.88 -15.31 11.85
N ASN A 26 -6.02 -15.17 12.52
CA ASN A 26 -6.37 -13.92 13.18
C ASN A 26 -5.61 -13.80 14.50
N VAL A 27 -4.55 -12.99 14.49
CA VAL A 27 -3.54 -13.08 15.56
C VAL A 27 -3.85 -12.18 16.75
N ASP A 28 -4.83 -11.30 16.60
CA ASP A 28 -5.26 -10.41 17.69
C ASP A 28 -4.11 -9.73 18.43
N GLY A 29 -3.37 -8.92 17.69
CA GLY A 29 -2.20 -8.25 18.20
C GLY A 29 -0.94 -8.98 17.75
N LEU A 30 -0.42 -8.56 16.61
CA LEU A 30 0.72 -9.25 16.01
C LEU A 30 1.95 -9.22 16.90
N ARG A 31 2.21 -8.10 17.54
CA ARG A 31 3.38 -7.99 18.39
C ARG A 31 3.28 -8.92 19.60
N ALA A 32 2.11 -8.98 20.20
CA ALA A 32 1.87 -9.92 21.33
C ALA A 32 1.98 -11.39 20.91
N TRP A 33 1.34 -11.71 19.79
CA TRP A 33 1.38 -13.04 19.21
C TRP A 33 2.81 -13.52 18.96
N ILE A 34 3.65 -12.62 18.46
CA ILE A 34 5.06 -12.98 18.25
C ILE A 34 5.73 -13.25 19.61
N LYS A 35 5.49 -12.41 20.61
CA LYS A 35 6.02 -12.67 21.95
C LYS A 35 5.53 -13.99 22.53
N LYS A 36 4.32 -14.41 22.14
CA LYS A 36 3.77 -15.71 22.55
C LYS A 36 4.13 -16.87 21.59
N LYS A 37 5.17 -16.65 20.79
CA LYS A 37 5.82 -17.70 19.95
C LYS A 37 5.01 -18.15 18.73
N GLY A 38 4.11 -17.28 18.27
CA GLY A 38 3.28 -17.58 17.13
C GLY A 38 4.09 -17.90 15.89
N LEU A 39 5.23 -17.24 15.72
CA LEU A 39 6.04 -17.50 14.52
C LEU A 39 6.74 -18.85 14.60
N ASP A 40 7.00 -19.32 15.80
CA ASP A 40 7.58 -20.65 15.94
C ASP A 40 6.57 -21.68 15.38
N TRP A 41 5.29 -21.52 15.72
CA TRP A 41 4.27 -22.42 15.18
C TRP A 41 4.18 -22.31 13.65
N VAL A 42 4.27 -21.08 13.15
CA VAL A 42 4.19 -20.86 11.70
C VAL A 42 5.32 -21.62 10.99
N LYS A 43 6.53 -21.56 11.56
CA LYS A 43 7.67 -22.26 10.95
C LYS A 43 7.43 -23.77 10.91
N GLU A 44 6.81 -24.33 11.94
CA GLU A 44 6.49 -25.74 11.96
C GLU A 44 5.43 -26.08 10.91
N GLU A 45 4.51 -25.15 10.67
CA GLU A 45 3.44 -25.39 9.70
C GLU A 45 3.96 -25.22 8.28
N ALA A 46 4.96 -24.37 8.10
CA ALA A 46 5.66 -24.19 6.81
C ALA A 46 4.70 -23.97 5.63
N PRO A 47 3.80 -23.01 5.79
CA PRO A 47 2.91 -22.71 4.66
C PRO A 47 3.60 -22.02 3.50
N ASP A 48 3.06 -22.18 2.30
CA ASP A 48 3.49 -21.39 1.17
C ASP A 48 3.07 -19.93 1.26
N ILE A 49 1.90 -19.71 1.85
CA ILE A 49 1.30 -18.37 1.99
C ILE A 49 0.68 -18.29 3.38
N LEU A 50 0.96 -17.17 4.06
CA LEU A 50 0.47 -16.89 5.41
C LEU A 50 -0.32 -15.59 5.36
N CYS A 51 -1.59 -15.67 5.72
CA CYS A 51 -2.47 -14.51 5.84
C CYS A 51 -2.76 -14.24 7.31
N LEU A 52 -2.55 -12.99 7.75
CA LEU A 52 -2.76 -12.58 9.13
C LEU A 52 -3.82 -11.48 9.26
N GLN A 53 -4.67 -11.57 10.27
CA GLN A 53 -5.67 -10.56 10.52
C GLN A 53 -5.69 -10.05 11.94
N GLN A 54 -6.26 -8.84 12.09
CA GLN A 54 -6.26 -8.14 13.37
C GLN A 54 -4.83 -8.02 13.92
N THR A 55 -3.93 -7.56 13.05
CA THR A 55 -2.52 -7.42 13.44
C THR A 55 -2.30 -6.29 14.46
N LYS A 56 -3.19 -5.29 14.43
CA LYS A 56 -3.07 -4.15 15.33
C LYS A 56 -1.67 -3.56 15.30
N CYS A 57 -1.10 -3.39 14.10
CA CYS A 57 0.29 -3.01 13.94
C CYS A 57 0.55 -2.28 12.63
N SER A 58 1.07 -1.06 12.68
CA SER A 58 1.44 -0.38 11.43
C SER A 58 2.77 -0.95 10.96
N GLU A 59 3.10 -0.75 9.69
CA GLU A 59 4.20 -1.50 9.11
C GLU A 59 5.54 -1.12 9.74
N ASN A 60 5.66 0.13 10.17
CA ASN A 60 6.90 0.58 10.79
C ASN A 60 7.19 -0.06 12.16
N LYS A 61 6.20 -0.71 12.73
CA LYS A 61 6.31 -1.33 14.06
C LYS A 61 6.41 -2.85 14.02
N LEU A 62 6.54 -3.42 12.83
CA LEU A 62 6.66 -4.87 12.69
C LEU A 62 7.93 -5.35 13.37
N PRO A 63 7.84 -6.39 14.21
CA PRO A 63 9.05 -6.97 14.82
C PRO A 63 10.05 -7.47 13.81
N ALA A 64 11.34 -7.39 14.16
CA ALA A 64 12.39 -7.79 13.23
C ALA A 64 12.31 -9.29 12.90
N GLU A 65 11.76 -10.10 13.80
CA GLU A 65 11.62 -11.53 13.55
C GLU A 65 10.94 -11.78 12.20
N LEU A 66 10.10 -10.86 11.77
CA LEU A 66 9.38 -11.03 10.51
C LEU A 66 10.31 -10.87 9.31
N GLN A 67 11.49 -10.30 9.52
CA GLN A 67 12.51 -10.18 8.47
C GLN A 67 13.38 -11.44 8.35
N GLU A 68 13.15 -12.41 9.22
CA GLU A 68 13.95 -13.63 9.23
C GLU A 68 13.07 -14.82 8.86
N LEU A 69 12.23 -14.62 7.85
CA LEU A 69 11.41 -15.68 7.29
C LEU A 69 11.77 -15.87 5.83
N PRO A 70 12.85 -16.62 5.55
CA PRO A 70 13.32 -16.73 4.16
C PRO A 70 12.33 -17.43 3.23
N GLY A 71 11.44 -18.27 3.77
CA GLY A 71 10.45 -18.98 2.99
C GLY A 71 9.13 -18.22 2.79
N LEU A 72 9.06 -17.03 3.39
CA LEU A 72 7.90 -16.12 3.30
C LEU A 72 8.40 -14.70 3.11
N SER A 73 9.21 -14.49 2.09
CA SER A 73 10.00 -13.27 1.97
C SER A 73 9.24 -12.13 1.27
N HIS A 74 8.12 -12.44 0.65
CA HIS A 74 7.34 -11.44 -0.05
C HIS A 74 6.19 -11.06 0.89
N GLN A 75 6.25 -9.88 1.48
CA GLN A 75 5.32 -9.50 2.54
C GLN A 75 4.64 -8.17 2.27
N TYR A 76 3.33 -8.15 2.52
CA TYR A 76 2.43 -7.02 2.23
C TYR A 76 1.61 -6.76 3.46
N TRP A 77 1.57 -5.49 3.90
CA TRP A 77 0.97 -5.13 5.16
C TRP A 77 0.04 -3.96 5.01
N SER A 78 -0.99 -3.94 5.83
CA SER A 78 -1.93 -2.86 5.78
C SER A 78 -2.44 -2.56 7.19
N ALA A 79 -2.63 -1.28 7.49
CA ALA A 79 -3.21 -0.90 8.76
C ALA A 79 -4.01 0.39 8.57
N PRO A 80 -5.01 0.60 9.42
CA PRO A 80 -5.90 1.75 9.22
C PRO A 80 -5.20 3.07 9.61
N SER A 81 -5.43 4.12 8.83
CA SER A 81 -4.76 5.39 9.08
C SER A 81 -5.30 6.08 10.34
N ASP A 82 -6.59 5.97 10.63
CA ASP A 82 -7.14 6.79 11.71
C ASP A 82 -7.65 5.94 12.88
N LYS A 83 -7.15 4.72 12.96
CA LYS A 83 -7.57 3.79 13.99
C LYS A 83 -6.37 2.90 14.31
N GLU A 84 -5.21 3.50 14.47
CA GLU A 84 -4.02 2.71 14.78
C GLU A 84 -4.28 1.92 16.06
N GLY A 85 -3.82 0.69 16.06
CA GLY A 85 -4.04 -0.21 17.17
C GLY A 85 -5.19 -1.16 16.96
N TYR A 86 -5.92 -0.99 15.86
CA TYR A 86 -7.09 -1.82 15.52
C TYR A 86 -6.96 -2.34 14.10
N SER A 87 -7.75 -3.36 13.78
CA SER A 87 -7.71 -4.01 12.47
C SER A 87 -6.27 -4.36 12.09
N GLY A 88 -5.92 -4.23 10.82
CA GLY A 88 -4.58 -4.55 10.34
C GLY A 88 -4.54 -5.96 9.79
N VAL A 89 -4.00 -6.08 8.58
CA VAL A 89 -3.85 -7.37 7.94
C VAL A 89 -2.51 -7.48 7.24
N GLY A 90 -2.09 -8.71 6.99
CA GLY A 90 -0.83 -8.96 6.31
C GLY A 90 -0.94 -10.22 5.46
N LEU A 91 -0.13 -10.27 4.41
CA LEU A 91 -0.03 -11.43 3.56
C LEU A 91 1.46 -11.66 3.27
N LEU A 92 1.92 -12.87 3.52
CA LEU A 92 3.34 -13.24 3.36
C LEU A 92 3.38 -14.49 2.48
N SER A 93 4.27 -14.47 1.48
CA SER A 93 4.24 -15.48 0.43
C SER A 93 5.64 -15.94 0.03
N ARG A 94 5.74 -17.24 -0.22
CA ARG A 94 6.99 -17.84 -0.68
C ARG A 94 7.36 -17.27 -2.04
N GLN A 95 6.39 -17.25 -2.93
CA GLN A 95 6.58 -16.74 -4.29
C GLN A 95 5.99 -15.37 -4.41
N CYS A 96 6.56 -14.55 -5.30
CA CYS A 96 6.05 -13.19 -5.50
C CYS A 96 4.71 -13.22 -6.22
N PRO A 97 3.71 -12.54 -5.67
CA PRO A 97 2.48 -12.41 -6.44
C PRO A 97 2.66 -11.53 -7.68
N LEU A 98 1.77 -11.68 -8.63
CA LEU A 98 1.78 -10.87 -9.84
C LEU A 98 1.27 -9.46 -9.57
N LYS A 99 0.22 -9.37 -8.76
CA LYS A 99 -0.38 -8.09 -8.43
C LYS A 99 -0.77 -8.09 -6.95
N VAL A 100 -0.65 -6.94 -6.28
CA VAL A 100 -1.20 -6.79 -4.92
C VAL A 100 -1.97 -5.49 -4.81
N SER A 101 -3.10 -5.52 -4.12
CA SER A 101 -3.88 -4.31 -3.87
C SER A 101 -4.54 -4.38 -2.50
N TYR A 102 -5.10 -3.25 -2.07
CA TYR A 102 -5.60 -3.08 -0.69
C TYR A 102 -7.00 -2.52 -0.67
N GLY A 103 -7.85 -3.07 0.19
CA GLY A 103 -9.19 -2.54 0.40
C GLY A 103 -10.15 -3.01 -0.68
N ILE A 104 -11.36 -2.43 -0.70
CA ILE A 104 -12.40 -3.00 -1.53
C ILE A 104 -12.96 -1.99 -2.52
N GLY A 105 -12.20 -0.92 -2.77
CA GLY A 105 -12.56 0.03 -3.82
C GLY A 105 -12.01 1.43 -3.65
N ASP A 106 -11.95 1.91 -2.41
CA ASP A 106 -11.53 3.29 -2.17
C ASP A 106 -10.59 3.38 -0.98
N GLU A 107 -9.70 2.40 -0.85
CA GLU A 107 -8.76 2.40 0.26
C GLU A 107 -7.94 3.70 0.27
N GLU A 108 -7.74 4.33 -0.88
CA GLU A 108 -6.84 5.46 -0.91
C GLU A 108 -7.42 6.63 -0.16
N HIS A 109 -8.75 6.60 0.01
CA HIS A 109 -9.44 7.65 0.76
C HIS A 109 -9.92 7.15 2.13
N ASP A 110 -10.37 5.90 2.21
CA ASP A 110 -10.84 5.35 3.50
C ASP A 110 -9.91 4.21 3.92
N GLN A 111 -8.70 4.60 4.27
CA GLN A 111 -7.60 3.68 4.53
C GLN A 111 -8.11 2.86 5.74
N GLU A 112 -8.59 1.63 5.50
CA GLU A 112 -9.23 0.85 6.57
C GLU A 112 -8.34 -0.31 7.07
N GLY A 113 -7.39 -0.78 6.28
CA GLY A 113 -6.50 -1.84 6.72
C GLY A 113 -7.19 -3.16 7.04
N ARG A 114 -8.19 -3.51 6.24
CA ARG A 114 -8.92 -4.76 6.51
CA ARG A 114 -9.01 -4.72 6.45
C ARG A 114 -8.79 -5.82 5.42
N VAL A 115 -8.38 -5.42 4.22
CA VAL A 115 -8.35 -6.34 3.06
C VAL A 115 -7.08 -6.23 2.22
N ILE A 116 -6.52 -7.38 1.86
CA ILE A 116 -5.43 -7.47 0.88
C ILE A 116 -5.83 -8.44 -0.21
N VAL A 117 -5.56 -8.05 -1.46
CA VAL A 117 -5.82 -8.88 -2.63
C VAL A 117 -4.48 -9.20 -3.29
N ALA A 118 -4.22 -10.48 -3.54
CA ALA A 118 -2.97 -10.88 -4.21
C ALA A 118 -3.27 -11.87 -5.30
N GLU A 119 -2.86 -11.52 -6.51
CA GLU A 119 -3.08 -12.37 -7.67
C GLU A 119 -1.81 -13.17 -7.92
N PHE A 120 -2.02 -14.48 -7.99
CA PHE A 120 -1.02 -15.47 -8.34
C PHE A 120 -1.31 -16.04 -9.74
N ASP A 121 -0.49 -16.99 -10.21
CA ASP A 121 -0.63 -17.50 -11.58
C ASP A 121 -2.02 -18.06 -11.86
N SER A 122 -2.54 -18.87 -10.95
CA SER A 122 -3.75 -19.59 -11.27
C SER A 122 -4.94 -19.25 -10.37
N PHE A 123 -4.76 -18.31 -9.44
CA PHE A 123 -5.87 -17.87 -8.58
C PHE A 123 -5.61 -16.50 -7.97
N VAL A 124 -6.68 -15.92 -7.44
CA VAL A 124 -6.60 -14.67 -6.69
C VAL A 124 -6.92 -14.95 -5.24
N LEU A 125 -6.09 -14.42 -4.34
CA LEU A 125 -6.23 -14.63 -2.92
C LEU A 125 -6.63 -13.32 -2.27
N VAL A 126 -7.72 -13.39 -1.52
CA VAL A 126 -8.17 -12.25 -0.75
C VAL A 126 -8.12 -12.64 0.72
N THR A 127 -7.52 -11.80 1.55
CA THR A 127 -7.66 -12.01 2.99
C THR A 127 -8.33 -10.80 3.58
N ALA A 128 -9.16 -11.05 4.58
CA ALA A 128 -10.00 -10.02 5.15
C ALA A 128 -10.15 -10.13 6.66
N TYR A 129 -10.21 -8.98 7.30
CA TYR A 129 -10.64 -8.84 8.65
C TYR A 129 -11.98 -8.08 8.58
N VAL A 130 -13.07 -8.82 8.63
CA VAL A 130 -14.41 -8.27 8.40
C VAL A 130 -14.85 -7.46 9.63
N PRO A 131 -15.45 -6.28 9.42
CA PRO A 131 -15.81 -5.45 10.59
C PRO A 131 -16.77 -6.11 11.55
N ASN A 132 -16.43 -6.10 12.84
CA ASN A 132 -17.33 -6.64 13.86
C ASN A 132 -18.61 -5.81 13.98
N ALA A 133 -19.75 -6.45 14.20
CA ALA A 133 -21.02 -5.71 14.34
C ALA A 133 -21.05 -4.88 15.62
N GLY A 134 -20.19 -5.24 16.56
CA GLY A 134 -19.97 -4.46 17.76
C GLY A 134 -20.80 -4.92 18.95
N ARG A 135 -20.34 -4.61 20.16
CA ARG A 135 -21.14 -4.90 21.34
C ARG A 135 -22.49 -4.19 21.23
N GLY A 136 -23.54 -4.90 21.64
CA GLY A 136 -24.89 -4.40 21.51
C GLY A 136 -25.35 -4.11 20.09
N LEU A 137 -24.63 -4.62 19.09
CA LEU A 137 -24.95 -4.43 17.67
C LEU A 137 -24.90 -2.97 17.21
N VAL A 138 -24.15 -2.17 17.93
CA VAL A 138 -24.06 -0.73 17.63
C VAL A 138 -23.56 -0.45 16.20
N ARG A 139 -22.74 -1.34 15.62
CA ARG A 139 -22.31 -1.10 14.23
C ARG A 139 -22.79 -2.15 13.24
N LEU A 140 -23.96 -2.74 13.53
CA LEU A 140 -24.53 -3.78 12.66
C LEU A 140 -24.94 -3.21 11.31
N GLU A 141 -25.55 -2.03 11.27
CA GLU A 141 -25.92 -1.48 9.96
C GLU A 141 -24.70 -1.19 9.09
N TYR A 142 -23.64 -0.69 9.70
CA TYR A 142 -22.39 -0.50 8.94
C TYR A 142 -21.92 -1.85 8.38
N ARG A 143 -21.98 -2.88 9.22
CA ARG A 143 -21.55 -4.21 8.79
C ARG A 143 -22.38 -4.68 7.58
N GLN A 144 -23.67 -4.39 7.61
CA GLN A 144 -24.53 -4.88 6.53
C GLN A 144 -24.18 -4.18 5.25
N ARG A 145 -23.93 -2.88 5.33
CA ARG A 145 -23.54 -2.14 4.13
C ARG A 145 -22.16 -2.60 3.63
N TRP A 146 -21.25 -2.82 4.57
CA TRP A 146 -19.92 -3.34 4.22
C TRP A 146 -20.04 -4.72 3.53
N ASP A 147 -20.86 -5.61 4.10
CA ASP A 147 -21.06 -6.95 3.51
C ASP A 147 -21.48 -6.82 2.04
N GLU A 148 -22.44 -5.95 1.78
CA GLU A 148 -22.90 -5.72 0.40
C GLU A 148 -21.79 -5.18 -0.49
N ALA A 149 -21.07 -4.17 0.00
CA ALA A 149 -19.98 -3.60 -0.78
C ALA A 149 -18.91 -4.67 -1.08
N PHE A 150 -18.64 -5.54 -0.10
CA PHE A 150 -17.60 -6.57 -0.23
C PHE A 150 -18.05 -7.63 -1.22
N ARG A 151 -19.31 -8.06 -1.15
CA ARG A 151 -19.84 -9.04 -2.13
C ARG A 151 -19.69 -8.54 -3.55
N LYS A 152 -20.06 -7.29 -3.76
CA LYS A 152 -19.99 -6.69 -5.09
C LYS A 152 -18.54 -6.62 -5.57
N PHE A 153 -17.65 -6.26 -4.66
CA PHE A 153 -16.21 -6.24 -4.96
C PHE A 153 -15.68 -7.62 -5.38
N LEU A 154 -16.02 -8.64 -4.62
CA LEU A 154 -15.51 -9.98 -4.88
C LEU A 154 -16.10 -10.61 -6.14
N LYS A 155 -17.35 -10.27 -6.42
CA LYS A 155 -18.02 -10.77 -7.62
C LYS A 155 -17.21 -10.31 -8.82
N GLY A 156 -16.88 -9.01 -8.84
CA GLY A 156 -15.94 -8.48 -9.82
C GLY A 156 -14.66 -9.29 -10.03
N LEU A 157 -13.93 -9.56 -8.96
CA LEU A 157 -12.68 -10.32 -9.05
C LEU A 157 -12.84 -11.76 -9.58
N ALA A 158 -13.85 -12.49 -9.09
CA ALA A 158 -13.98 -13.91 -9.42
C ALA A 158 -14.49 -14.07 -10.84
N SER A 159 -14.87 -12.96 -11.47
CA SER A 159 -15.34 -13.03 -12.85
C SER A 159 -14.17 -13.18 -13.84
N ARG A 160 -12.92 -13.21 -13.35
CA ARG A 160 -11.75 -13.43 -14.23
C ARG A 160 -10.83 -14.59 -13.85
N LYS A 161 -10.45 -14.70 -12.57
CA LYS A 161 -9.62 -15.82 -12.12
C LYS A 161 -10.32 -16.46 -10.90
N PRO A 162 -10.09 -17.77 -10.66
CA PRO A 162 -10.70 -18.35 -9.46
C PRO A 162 -10.24 -17.68 -8.19
N LEU A 163 -11.10 -17.67 -7.19
CA LEU A 163 -10.90 -16.91 -5.98
C LEU A 163 -10.75 -17.81 -4.78
N VAL A 164 -9.80 -17.47 -3.92
CA VAL A 164 -9.74 -17.98 -2.56
C VAL A 164 -9.88 -16.79 -1.60
N LEU A 165 -10.89 -16.82 -0.74
CA LEU A 165 -11.08 -15.81 0.30
C LEU A 165 -10.82 -16.43 1.64
N CYS A 166 -9.95 -15.83 2.46
CA CYS A 166 -9.72 -16.37 3.79
C CYS A 166 -9.70 -15.25 4.81
N GLY A 167 -9.88 -15.61 6.06
CA GLY A 167 -9.68 -14.67 7.15
C GLY A 167 -10.79 -14.75 8.17
N ASN A 168 -10.86 -13.73 9.00
CA ASN A 168 -11.85 -13.66 10.06
C ASN A 168 -13.06 -12.96 9.48
N LEU A 169 -14.08 -13.74 9.13
CA LEU A 169 -15.23 -13.15 8.46
C LEU A 169 -16.28 -12.72 9.50
N ASN A 170 -15.97 -12.94 10.78
CA ASN A 170 -16.76 -12.40 11.91
C ASN A 170 -18.26 -12.73 11.81
N VAL A 171 -18.52 -13.97 11.45
CA VAL A 171 -19.83 -14.57 11.53
C VAL A 171 -19.73 -16.07 11.62
N ALA A 172 -20.55 -16.66 12.48
CA ALA A 172 -20.73 -18.09 12.51
C ALA A 172 -21.95 -18.36 11.63
N HIS A 173 -21.74 -18.98 10.48
CA HIS A 173 -22.80 -19.07 9.44
C HIS A 173 -24.09 -19.74 9.94
N GLU A 174 -23.95 -20.92 10.54
CA GLU A 174 -25.13 -21.70 10.93
C GLU A 174 -24.99 -22.19 12.37
N GLU A 175 -26.07 -22.76 12.91
CA GLU A 175 -26.06 -23.17 14.29
C GLU A 175 -24.89 -24.11 14.61
N ILE A 176 -24.51 -24.92 13.65
CA ILE A 176 -23.43 -25.87 13.88
C ILE A 176 -22.09 -25.15 14.09
N ASP A 177 -22.01 -23.89 13.65
CA ASP A 177 -20.76 -23.11 13.71
C ASP A 177 -20.49 -22.39 15.02
N LEU A 178 -21.31 -22.60 16.04
CA LEU A 178 -20.92 -22.13 17.37
C LEU A 178 -21.56 -23.00 18.44
N ARG A 179 -21.02 -22.91 19.65
CA ARG A 179 -21.46 -23.79 20.74
C ARG A 179 -22.83 -23.39 21.31
N ASN A 180 -23.09 -22.08 21.38
CA ASN A 180 -24.33 -21.58 21.98
C ASN A 180 -25.19 -20.75 21.03
N PRO A 181 -25.78 -21.40 20.00
CA PRO A 181 -26.58 -20.66 19.01
C PRO A 181 -27.77 -19.92 19.61
N LYS A 182 -28.52 -20.55 20.51
CA LYS A 182 -29.75 -19.93 21.03
C LYS A 182 -29.51 -18.64 21.78
N GLY A 183 -28.47 -18.61 22.60
CA GLY A 183 -28.19 -17.45 23.41
C GLY A 183 -27.51 -16.31 22.66
N ASN A 184 -27.02 -16.57 21.45
CA ASN A 184 -26.20 -15.60 20.72
C ASN A 184 -26.84 -14.97 19.48
N LYS A 185 -28.12 -15.24 19.25
CA LYS A 185 -28.81 -14.72 18.08
C LYS A 185 -28.94 -13.19 18.09
N LYS A 186 -28.73 -12.56 19.25
CA LYS A 186 -28.74 -11.10 19.34
C LYS A 186 -27.36 -10.53 19.59
N ASN A 187 -26.34 -11.36 19.43
CA ASN A 187 -24.95 -10.92 19.59
C ASN A 187 -24.19 -10.86 18.25
N ALA A 188 -23.25 -9.92 18.13
CA ALA A 188 -22.37 -9.81 16.97
C ALA A 188 -21.81 -11.14 16.58
N GLY A 189 -21.96 -11.49 15.31
CA GLY A 189 -21.38 -12.70 14.77
C GLY A 189 -22.39 -13.81 14.59
N PHE A 190 -23.58 -13.64 15.18
CA PHE A 190 -24.63 -14.62 14.92
C PHE A 190 -26.01 -13.97 14.79
N THR A 191 -26.06 -12.73 14.31
CA THR A 191 -27.36 -12.10 13.98
C THR A 191 -27.90 -12.71 12.69
N PRO A 192 -29.23 -12.69 12.52
CA PRO A 192 -29.77 -13.12 11.24
C PRO A 192 -29.21 -12.34 10.06
N GLN A 193 -28.89 -11.06 10.29
CA GLN A 193 -28.39 -10.22 9.22
C GLN A 193 -26.98 -10.64 8.77
N GLU A 194 -26.13 -10.94 9.74
CA GLU A 194 -24.78 -11.38 9.39
C GLU A 194 -24.81 -12.76 8.74
N ARG A 195 -25.66 -13.66 9.23
CA ARG A 195 -25.75 -15.01 8.67
C ARG A 195 -26.28 -14.95 7.24
N GLN A 196 -27.27 -14.10 7.03
CA GLN A 196 -27.79 -13.88 5.69
C GLN A 196 -26.72 -13.33 4.75
N GLY A 197 -25.91 -12.40 5.26
CA GLY A 197 -24.87 -11.79 4.44
C GLY A 197 -23.87 -12.83 3.97
N PHE A 198 -23.58 -13.78 4.84
CA PHE A 198 -22.64 -14.84 4.52
C PHE A 198 -23.25 -15.75 3.45
N GLY A 199 -24.52 -16.12 3.64
CA GLY A 199 -25.24 -16.88 2.63
C GLY A 199 -25.26 -16.19 1.28
N GLU A 200 -25.51 -14.89 1.28
CA GLU A 200 -25.50 -14.14 0.01
C GLU A 200 -24.13 -14.10 -0.62
N LEU A 201 -23.09 -14.04 0.21
CA LEU A 201 -21.72 -14.11 -0.26
C LEU A 201 -21.47 -15.44 -1.01
N LEU A 202 -21.86 -16.57 -0.42
CA LEU A 202 -21.68 -17.87 -1.07
C LEU A 202 -22.44 -17.93 -2.39
N GLN A 203 -23.64 -17.37 -2.43
CA GLN A 203 -24.50 -17.54 -3.61
C GLN A 203 -24.15 -16.57 -4.73
N ALA A 204 -23.78 -15.36 -4.36
CA ALA A 204 -23.59 -14.28 -5.33
C ALA A 204 -22.26 -14.31 -6.08
N VAL A 205 -21.19 -14.74 -5.43
CA VAL A 205 -19.87 -14.58 -6.03
C VAL A 205 -19.64 -15.51 -7.24
N PRO A 206 -19.89 -16.84 -7.09
CA PRO A 206 -20.25 -17.66 -5.93
C PRO A 206 -19.04 -18.29 -5.26
N LEU A 207 -19.21 -18.74 -4.02
CA LEU A 207 -18.13 -19.35 -3.24
C LEU A 207 -18.66 -20.53 -2.44
N ALA A 208 -17.75 -21.44 -2.07
CA ALA A 208 -18.06 -22.59 -1.24
C ALA A 208 -17.24 -22.51 0.04
N ASP A 209 -17.80 -22.95 1.15
CA ASP A 209 -17.13 -23.03 2.47
C ASP A 209 -16.34 -24.33 2.51
N SER A 210 -15.02 -24.20 2.34
CA SER A 210 -14.18 -25.38 2.15
C SER A 210 -14.32 -26.35 3.28
N PHE A 211 -14.28 -25.87 4.52
CA PHE A 211 -14.36 -26.79 5.65
C PHE A 211 -15.72 -27.48 5.68
N ARG A 212 -16.79 -26.72 5.51
CA ARG A 212 -18.10 -27.33 5.67
C ARG A 212 -18.42 -28.24 4.48
N HIS A 213 -17.87 -27.95 3.31
CA HIS A 213 -18.01 -28.78 2.14
C HIS A 213 -17.46 -30.17 2.41
N LEU A 214 -16.32 -30.23 3.10
CA LEU A 214 -15.66 -31.49 3.38
C LEU A 214 -16.23 -32.19 4.61
N TYR A 215 -16.75 -31.41 5.54
CA TYR A 215 -17.20 -31.89 6.85
C TYR A 215 -18.59 -31.30 7.16
N PRO A 216 -19.58 -31.67 6.35
CA PRO A 216 -20.90 -31.04 6.38
C PRO A 216 -21.66 -31.23 7.67
N ASN A 217 -21.40 -32.30 8.40
CA ASN A 217 -22.16 -32.60 9.61
C ASN A 217 -21.32 -32.63 10.89
N THR A 218 -20.10 -32.09 10.83
CA THR A 218 -19.20 -32.11 11.99
C THR A 218 -19.41 -30.93 12.93
N PRO A 219 -19.86 -31.21 14.16
CA PRO A 219 -20.05 -30.17 15.16
C PRO A 219 -18.80 -29.93 16.01
N TYR A 220 -18.87 -28.86 16.80
CA TYR A 220 -17.88 -28.49 17.82
C TYR A 220 -16.55 -28.09 17.19
N ALA A 221 -16.58 -27.72 15.91
CA ALA A 221 -15.38 -27.32 15.18
C ALA A 221 -15.35 -25.79 15.14
N TYR A 222 -14.54 -25.18 16.00
CA TYR A 222 -14.47 -23.71 16.15
C TYR A 222 -13.07 -23.13 15.95
N THR A 223 -13.00 -21.83 15.73
CA THR A 223 -11.71 -21.17 15.51
C THR A 223 -11.48 -19.98 16.42
N PHE A 224 -12.47 -19.67 17.25
CA PHE A 224 -12.44 -18.58 18.22
C PHE A 224 -13.07 -19.01 19.54
N TRP A 225 -12.47 -18.58 20.65
CA TRP A 225 -13.02 -18.74 21.99
C TRP A 225 -12.72 -17.48 22.78
N THR A 226 -13.70 -16.95 23.51
CA THR A 226 -13.42 -15.78 24.29
C THR A 226 -12.34 -16.09 25.33
N TYR A 227 -11.48 -15.11 25.60
CA TYR A 227 -10.51 -15.27 26.67
C TYR A 227 -11.19 -15.40 28.02
N MET A 228 -12.39 -14.88 28.13
CA MET A 228 -13.15 -14.99 29.37
C MET A 228 -13.69 -16.37 29.70
N MET A 229 -13.79 -16.65 31.00
CA MET A 229 -14.56 -17.79 31.49
C MET A 229 -13.95 -19.14 31.03
N ASN A 230 -12.64 -19.13 30.77
CA ASN A 230 -11.95 -20.34 30.35
C ASN A 230 -12.58 -21.02 29.14
N ALA A 231 -13.18 -20.26 28.22
CA ALA A 231 -13.99 -20.89 27.17
C ALA A 231 -13.19 -21.89 26.31
N ARG A 232 -11.93 -21.59 26.04
CA ARG A 232 -11.17 -22.45 25.15
C ARG A 232 -10.96 -23.84 25.76
N SER A 233 -10.72 -23.88 27.07
CA SER A 233 -10.49 -25.17 27.74
C SER A 233 -11.76 -26.03 27.69
N LYS A 234 -12.93 -25.40 27.52
CA LYS A 234 -14.21 -26.07 27.47
C LYS A 234 -14.71 -26.25 26.03
N ASN A 235 -13.89 -25.79 25.09
CA ASN A 235 -14.26 -25.69 23.68
C ASN A 235 -15.65 -25.06 23.45
N VAL A 236 -15.93 -24.00 24.19
CA VAL A 236 -17.10 -23.17 23.94
C VAL A 236 -16.64 -22.08 23.00
N GLY A 237 -16.89 -22.28 21.72
CA GLY A 237 -16.29 -21.43 20.69
C GLY A 237 -17.23 -21.14 19.55
N TRP A 238 -16.68 -20.43 18.58
CA TRP A 238 -17.34 -20.01 17.34
C TRP A 238 -16.43 -20.29 16.13
N ARG A 239 -16.97 -20.71 14.99
CA ARG A 239 -16.19 -20.80 13.78
C ARG A 239 -16.34 -19.48 13.02
N LEU A 240 -15.33 -18.62 13.14
CA LEU A 240 -15.34 -17.29 12.54
C LEU A 240 -14.38 -17.14 11.39
N ASP A 241 -13.49 -18.12 11.25
CA ASP A 241 -12.40 -18.05 10.30
C ASP A 241 -12.60 -19.10 9.22
N TYR A 242 -12.48 -18.68 7.96
CA TYR A 242 -12.86 -19.54 6.83
C TYR A 242 -11.87 -19.51 5.71
N PHE A 243 -11.92 -20.56 4.89
CA PHE A 243 -11.44 -20.50 3.51
C PHE A 243 -12.63 -20.75 2.59
N LEU A 244 -12.99 -19.72 1.83
CA LEU A 244 -14.06 -19.81 0.85
C LEU A 244 -13.43 -19.86 -0.54
N LEU A 245 -13.95 -20.73 -1.41
CA LEU A 245 -13.35 -21.03 -2.70
C LEU A 245 -14.34 -20.93 -3.86
N SER A 246 -13.88 -20.45 -5.01
CA SER A 246 -14.69 -20.60 -6.22
C SER A 246 -15.01 -22.06 -6.48
N HIS A 247 -16.14 -22.34 -7.12
CA HIS A 247 -16.57 -23.73 -7.27
C HIS A 247 -15.59 -24.45 -8.19
N SER A 248 -15.02 -23.72 -9.14
CA SER A 248 -14.03 -24.30 -10.05
C SER A 248 -12.77 -24.77 -9.34
N LEU A 249 -12.53 -24.31 -8.11
CA LEU A 249 -11.40 -24.81 -7.34
C LEU A 249 -11.71 -26.04 -6.47
N LEU A 250 -12.95 -26.47 -6.39
CA LEU A 250 -13.24 -27.61 -5.53
C LEU A 250 -12.49 -28.89 -5.96
N PRO A 251 -12.27 -29.08 -7.28
CA PRO A 251 -11.50 -30.26 -7.65
C PRO A 251 -10.03 -30.20 -7.21
N ALA A 252 -9.58 -29.01 -6.86
CA ALA A 252 -8.21 -28.79 -6.39
C ALA A 252 -8.16 -28.90 -4.86
N LEU A 253 -9.32 -28.94 -4.23
CA LEU A 253 -9.38 -28.98 -2.77
C LEU A 253 -8.97 -30.34 -2.18
N CYS A 254 -7.92 -30.33 -1.37
CA CYS A 254 -7.45 -31.52 -0.64
C CYS A 254 -7.97 -31.56 0.78
N ASP A 255 -7.79 -30.46 1.53
CA ASP A 255 -8.32 -30.38 2.89
C ASP A 255 -8.38 -28.93 3.38
N SER A 256 -9.14 -28.74 4.44
CA SER A 256 -9.32 -27.46 5.10
C SER A 256 -9.27 -27.77 6.59
N LYS A 257 -8.23 -27.28 7.28
CA LYS A 257 -7.91 -27.70 8.64
C LYS A 257 -8.20 -26.59 9.66
N ILE A 258 -8.44 -27.02 10.88
CA ILE A 258 -8.58 -26.14 12.03
C ILE A 258 -7.50 -26.57 13.02
N ARG A 259 -6.55 -25.65 13.29
CA ARG A 259 -5.37 -25.97 14.07
C ARG A 259 -5.60 -25.61 15.53
N SER A 260 -6.49 -26.38 16.16
CA SER A 260 -7.02 -26.09 17.48
C SER A 260 -5.97 -25.90 18.55
N LYS A 261 -4.80 -26.53 18.38
CA LYS A 261 -3.83 -26.60 19.46
C LYS A 261 -2.87 -25.44 19.45
N ALA A 262 -2.86 -24.67 18.37
CA ALA A 262 -1.89 -23.57 18.23
C ALA A 262 -2.33 -22.36 19.04
N LEU A 263 -1.53 -21.98 20.04
CA LEU A 263 -1.86 -20.89 20.94
C LEU A 263 -1.28 -19.57 20.49
N GLY A 264 -1.62 -18.50 21.21
CA GLY A 264 -1.06 -17.18 20.95
C GLY A 264 -2.07 -16.11 20.55
N SER A 265 -3.34 -16.50 20.39
CA SER A 265 -4.44 -15.58 20.09
C SER A 265 -5.74 -16.15 20.67
N ASP A 266 -6.86 -15.42 20.56
CA ASP A 266 -8.14 -16.04 20.88
C ASP A 266 -8.76 -16.69 19.65
N HIS A 267 -8.08 -16.58 18.51
CA HIS A 267 -8.40 -17.43 17.36
C HIS A 267 -7.27 -18.43 17.16
N CYS A 268 -7.58 -19.58 16.55
CA CYS A 268 -6.54 -20.52 16.14
C CYS A 268 -6.32 -20.40 14.64
N PRO A 269 -5.19 -20.91 14.15
CA PRO A 269 -4.99 -20.96 12.69
C PRO A 269 -5.94 -21.91 11.97
N ILE A 270 -6.14 -21.63 10.69
CA ILE A 270 -6.78 -22.56 9.78
C ILE A 270 -5.85 -22.72 8.58
N THR A 271 -5.87 -23.90 7.97
CA THR A 271 -4.95 -24.21 6.87
C THR A 271 -5.65 -24.91 5.72
N LEU A 272 -5.36 -24.41 4.53
CA LEU A 272 -5.89 -24.96 3.27
C LEU A 272 -4.80 -25.67 2.46
N TYR A 273 -5.14 -26.84 1.95
CA TYR A 273 -4.28 -27.60 1.04
C TYR A 273 -4.98 -27.67 -0.32
N LEU A 274 -4.30 -27.17 -1.34
CA LEU A 274 -4.78 -27.21 -2.71
C LEU A 274 -3.78 -27.91 -3.64
N ALA A 275 -4.32 -28.67 -4.58
CA ALA A 275 -3.56 -29.32 -5.64
C ALA A 275 -3.66 -28.46 -6.90
N LEU A 276 -2.68 -27.62 -7.15
CA LEU A 276 -2.71 -26.77 -8.33
C LEU A 276 -1.67 -27.22 -9.37
N ALA B 1 26.49 23.04 -22.38
CA ALA B 1 27.27 21.82 -22.44
C ALA B 1 26.45 20.63 -21.97
N LEU B 2 26.97 19.42 -22.18
CA LEU B 2 26.28 18.20 -21.77
C LEU B 2 26.58 17.90 -20.31
N TYR B 3 25.77 17.02 -19.72
CA TYR B 3 25.84 16.75 -18.28
C TYR B 3 25.89 15.25 -18.01
N GLU B 4 26.81 14.84 -17.14
CA GLU B 4 26.90 13.48 -16.62
C GLU B 4 26.71 13.49 -15.12
N ASP B 5 25.57 13.00 -14.65
CA ASP B 5 25.28 12.94 -13.22
C ASP B 5 26.31 12.03 -12.54
N PRO B 6 26.88 12.47 -11.41
CA PRO B 6 27.89 11.63 -10.73
C PRO B 6 27.32 10.31 -10.23
N PRO B 7 28.19 9.32 -9.93
CA PRO B 7 27.69 8.04 -9.44
C PRO B 7 26.93 8.17 -8.14
N ASP B 8 26.04 7.21 -7.87
CA ASP B 8 25.23 7.27 -6.66
C ASP B 8 26.11 7.15 -5.44
N GLN B 9 25.92 8.05 -4.48
CA GLN B 9 26.61 7.99 -3.21
C GLN B 9 25.54 7.40 -2.28
N LYS B 10 25.78 6.22 -1.72
CA LYS B 10 24.77 5.57 -0.89
C LYS B 10 25.18 5.45 0.57
N THR B 11 26.09 6.31 0.99
CA THR B 11 26.43 6.42 2.39
C THR B 11 26.40 7.88 2.81
N SER B 12 25.98 8.13 4.03
CA SER B 12 25.82 9.48 4.52
C SER B 12 27.20 10.02 4.87
N PRO B 13 27.26 11.31 5.19
CA PRO B 13 28.56 11.90 5.54
C PRO B 13 29.17 11.29 6.81
N SER B 14 28.33 10.77 7.71
CA SER B 14 28.82 10.08 8.91
C SER B 14 28.96 8.58 8.66
N GLY B 15 28.80 8.15 7.42
CA GLY B 15 29.11 6.78 7.04
C GLY B 15 27.97 5.78 7.13
N LYS B 16 26.75 6.26 7.40
CA LYS B 16 25.58 5.39 7.50
C LYS B 16 25.02 5.04 6.12
N PRO B 17 24.64 3.78 5.91
CA PRO B 17 24.16 3.41 4.58
C PRO B 17 22.73 3.87 4.34
N ALA B 18 22.47 4.26 3.09
CA ALA B 18 21.12 4.62 2.69
C ALA B 18 20.15 3.46 2.98
N THR B 19 18.98 3.80 3.46
CA THR B 19 17.92 2.83 3.75
C THR B 19 16.63 3.15 3.02
N LEU B 20 16.57 4.32 2.39
CA LEU B 20 15.37 4.80 1.78
C LEU B 20 15.73 5.42 0.45
N LYS B 21 15.09 4.90 -0.60
CA LYS B 21 15.24 5.42 -1.95
C LYS B 21 13.89 5.95 -2.50
N ILE B 22 13.82 7.26 -2.76
CA ILE B 22 12.60 7.89 -3.28
C ILE B 22 12.83 8.40 -4.69
N CYS B 23 11.93 8.07 -5.62
CA CYS B 23 12.04 8.54 -6.98
C CYS B 23 10.84 9.44 -7.28
N SER B 24 11.12 10.58 -7.91
CA SER B 24 10.09 11.53 -8.33
C SER B 24 10.19 11.70 -9.83
N TRP B 25 9.04 11.67 -10.51
CA TRP B 25 9.04 11.80 -11.99
C TRP B 25 7.78 12.50 -12.48
N ASN B 26 7.97 13.63 -13.14
CA ASN B 26 6.86 14.30 -13.82
C ASN B 26 6.69 13.66 -15.19
N VAL B 27 5.71 12.77 -15.27
CA VAL B 27 5.59 11.87 -16.39
C VAL B 27 4.92 12.51 -17.62
N ASP B 28 4.18 13.61 -17.40
CA ASP B 28 3.54 14.38 -18.48
C ASP B 28 2.75 13.47 -19.41
N GLY B 29 1.72 12.85 -18.85
CA GLY B 29 0.92 11.89 -19.57
C GLY B 29 1.27 10.49 -19.12
N LEU B 30 0.58 10.07 -18.06
CA LEU B 30 0.89 8.80 -17.41
C LEU B 30 0.72 7.63 -18.38
N ARG B 31 -0.36 7.66 -19.16
CA ARG B 31 -0.62 6.57 -20.11
C ARG B 31 0.44 6.47 -21.18
N ALA B 32 0.84 7.61 -21.76
CA ALA B 32 1.89 7.61 -22.78
C ALA B 32 3.23 7.16 -22.21
N TRP B 33 3.55 7.68 -21.02
CA TRP B 33 4.76 7.35 -20.29
C TRP B 33 4.89 5.84 -20.13
N ILE B 34 3.78 5.21 -19.76
CA ILE B 34 3.74 3.76 -19.63
C ILE B 34 3.96 3.09 -20.98
N LYS B 35 3.37 3.61 -22.04
CA LYS B 35 3.64 3.05 -23.37
C LYS B 35 5.10 3.24 -23.79
N LYS B 36 5.76 4.29 -23.30
CA LYS B 36 7.18 4.54 -23.58
C LYS B 36 8.12 3.87 -22.56
N LYS B 37 7.57 2.90 -21.83
CA LYS B 37 8.33 1.95 -20.98
C LYS B 37 8.83 2.55 -19.66
N GLY B 38 8.12 3.55 -19.15
CA GLY B 38 8.53 4.18 -17.90
C GLY B 38 8.51 3.22 -16.73
N LEU B 39 7.55 2.29 -16.72
CA LEU B 39 7.47 1.39 -15.57
C LEU B 39 8.57 0.37 -15.61
N ASP B 40 9.05 0.02 -16.80
CA ASP B 40 10.23 -0.83 -16.89
C ASP B 40 11.42 -0.09 -16.26
N TRP B 41 11.55 1.20 -16.54
CA TRP B 41 12.66 1.93 -15.90
C TRP B 41 12.46 1.96 -14.38
N VAL B 42 11.22 2.18 -13.94
CA VAL B 42 10.95 2.20 -12.50
C VAL B 42 11.30 0.88 -11.82
N LYS B 43 10.95 -0.24 -12.43
CA LYS B 43 11.26 -1.54 -11.81
C LYS B 43 12.78 -1.74 -11.68
N GLU B 44 13.55 -1.19 -12.62
CA GLU B 44 14.99 -1.29 -12.56
C GLU B 44 15.54 -0.40 -11.46
N GLU B 45 14.98 0.79 -11.34
CA GLU B 45 15.42 1.74 -10.34
C GLU B 45 15.07 1.23 -8.93
N ALA B 46 13.96 0.49 -8.84
CA ALA B 46 13.54 -0.16 -7.62
C ALA B 46 13.47 0.79 -6.41
N PRO B 47 12.79 1.92 -6.55
CA PRO B 47 12.68 2.77 -5.37
C PRO B 47 11.71 2.22 -4.34
N ASP B 48 11.87 2.64 -3.10
CA ASP B 48 10.90 2.38 -2.04
C ASP B 48 9.62 3.18 -2.21
N ILE B 49 9.77 4.39 -2.75
CA ILE B 49 8.64 5.28 -2.95
C ILE B 49 8.79 5.96 -4.30
N LEU B 50 7.68 6.02 -5.04
CA LEU B 50 7.63 6.65 -6.37
C LEU B 50 6.57 7.74 -6.36
N CYS B 51 6.96 8.97 -6.68
CA CYS B 51 6.02 10.09 -6.79
C CYS B 51 5.93 10.51 -8.25
N LEU B 52 4.72 10.66 -8.75
CA LEU B 52 4.49 10.99 -10.16
C LEU B 52 3.68 12.25 -10.26
N GLN B 53 4.02 13.10 -11.22
CA GLN B 53 3.29 14.35 -11.40
C GLN B 53 2.89 14.55 -12.86
N GLN B 54 1.86 15.35 -13.06
CA GLN B 54 1.28 15.63 -14.38
C GLN B 54 0.84 14.33 -15.09
N THR B 55 0.01 13.58 -14.39
CA THR B 55 -0.38 12.26 -14.87
C THR B 55 -1.39 12.39 -16.00
N LYS B 56 -2.18 13.48 -15.99
CA LYS B 56 -3.20 13.72 -17.00
C LYS B 56 -4.04 12.48 -17.24
N CYS B 57 -4.53 11.90 -16.15
CA CYS B 57 -5.26 10.64 -16.21
C CYS B 57 -6.29 10.54 -15.10
N SER B 58 -7.57 10.44 -15.46
CA SER B 58 -8.60 10.16 -14.45
C SER B 58 -8.34 8.81 -13.80
N GLU B 59 -8.83 8.63 -12.58
CA GLU B 59 -8.58 7.38 -11.86
C GLU B 59 -9.18 6.18 -12.59
N ASN B 60 -10.39 6.31 -13.13
CA ASN B 60 -11.01 5.19 -13.83
C ASN B 60 -10.27 4.79 -15.11
N LYS B 61 -9.33 5.63 -15.55
CA LYS B 61 -8.54 5.31 -16.74
C LYS B 61 -7.09 4.93 -16.41
N LEU B 62 -6.78 4.72 -15.14
CA LEU B 62 -5.42 4.33 -14.77
C LEU B 62 -5.06 3.00 -15.43
N PRO B 63 -3.94 2.95 -16.17
CA PRO B 63 -3.54 1.70 -16.83
C PRO B 63 -3.38 0.49 -15.91
N ALA B 64 -3.63 -0.69 -16.46
CA ALA B 64 -3.63 -1.91 -15.67
C ALA B 64 -2.22 -2.34 -15.30
N GLU B 65 -1.22 -1.89 -16.06
CA GLU B 65 0.16 -2.25 -15.77
C GLU B 65 0.54 -1.80 -14.34
N LEU B 66 -0.15 -0.80 -13.83
CA LEU B 66 0.23 -0.25 -12.53
C LEU B 66 -0.09 -1.26 -11.43
N GLN B 67 -1.06 -2.12 -11.71
CA GLN B 67 -1.41 -3.20 -10.78
C GLN B 67 -0.28 -4.23 -10.66
N GLU B 68 0.66 -4.22 -11.60
CA GLU B 68 1.73 -5.21 -11.63
C GLU B 68 3.01 -4.65 -11.05
N LEU B 69 2.86 -3.93 -9.96
CA LEU B 69 3.97 -3.35 -9.22
C LEU B 69 3.85 -3.77 -7.76
N PRO B 70 4.04 -5.07 -7.48
CA PRO B 70 3.85 -5.45 -6.08
C PRO B 70 4.90 -4.85 -5.14
N GLY B 71 6.05 -4.38 -5.67
CA GLY B 71 7.04 -3.69 -4.86
C GLY B 71 6.70 -2.23 -4.58
N LEU B 72 5.64 -1.75 -5.23
CA LEU B 72 5.12 -0.41 -4.98
C LEU B 72 3.60 -0.51 -4.89
N SER B 73 3.12 -1.37 -4.00
CA SER B 73 1.74 -1.82 -4.05
C SER B 73 0.76 -0.87 -3.39
N HIS B 74 1.23 0.04 -2.54
CA HIS B 74 0.36 1.01 -1.91
C HIS B 74 0.32 2.25 -2.79
N GLN B 75 -0.83 2.51 -3.42
CA GLN B 75 -0.92 3.52 -4.50
C GLN B 75 -2.06 4.49 -4.22
N TYR B 76 -1.71 5.77 -4.25
CA TYR B 76 -2.61 6.87 -3.93
C TYR B 76 -2.57 7.89 -5.04
N TRP B 77 -3.75 8.34 -5.47
CA TRP B 77 -3.85 9.20 -6.65
C TRP B 77 -4.70 10.42 -6.35
N SER B 78 -4.34 11.55 -6.96
CA SER B 78 -5.15 12.73 -6.87
C SER B 78 -5.37 13.28 -8.26
N ALA B 79 -6.63 13.39 -8.65
CA ALA B 79 -6.98 14.01 -9.93
C ALA B 79 -7.73 15.33 -9.70
N PRO B 80 -7.70 16.21 -10.70
CA PRO B 80 -8.38 17.52 -10.62
C PRO B 80 -9.88 17.45 -10.33
N SER B 87 -3.43 18.04 -15.12
CA SER B 87 -2.78 18.01 -13.80
C SER B 87 -2.69 16.55 -13.31
N GLY B 88 -2.76 16.31 -12.01
CA GLY B 88 -2.77 14.96 -11.47
C GLY B 88 -1.44 14.49 -10.89
N VAL B 89 -1.51 13.87 -9.72
CA VAL B 89 -0.33 13.30 -9.09
C VAL B 89 -0.61 11.93 -8.52
N GLY B 90 0.47 11.22 -8.22
CA GLY B 90 0.37 9.89 -7.64
C GLY B 90 1.53 9.66 -6.70
N LEU B 91 1.30 8.78 -5.73
CA LEU B 91 2.29 8.38 -4.77
C LEU B 91 2.12 6.88 -4.53
N LEU B 92 3.19 6.16 -4.82
CA LEU B 92 3.23 4.70 -4.74
C LEU B 92 4.32 4.31 -3.76
N SER B 93 4.03 3.38 -2.86
CA SER B 93 4.91 3.12 -1.72
C SER B 93 5.03 1.63 -1.47
N ARG B 94 6.26 1.18 -1.23
CA ARG B 94 6.51 -0.22 -0.88
C ARG B 94 5.84 -0.56 0.46
N GLN B 95 6.06 0.29 1.46
CA GLN B 95 5.48 0.13 2.78
C GLN B 95 4.14 0.87 2.89
N CYS B 96 3.27 0.37 3.75
CA CYS B 96 2.02 1.06 4.02
C CYS B 96 2.28 2.37 4.78
N PRO B 97 1.88 3.50 4.21
CA PRO B 97 2.03 4.77 4.93
C PRO B 97 1.21 4.83 6.21
N LEU B 98 1.60 5.67 7.17
CA LEU B 98 0.80 5.85 8.37
C LEU B 98 -0.52 6.56 8.06
N LYS B 99 -0.48 7.49 7.12
CA LYS B 99 -1.67 8.25 6.72
C LYS B 99 -1.40 8.97 5.41
N VAL B 100 -2.40 9.04 4.52
CA VAL B 100 -2.28 9.83 3.30
C VAL B 100 -3.40 10.87 3.23
N SER B 101 -3.04 12.09 2.89
CA SER B 101 -3.98 13.21 2.74
C SER B 101 -3.81 13.87 1.40
N TYR B 102 -4.78 14.69 1.01
CA TYR B 102 -4.82 15.28 -0.34
C TYR B 102 -5.06 16.79 -0.28
N GLY B 103 -4.36 17.52 -1.13
CA GLY B 103 -4.53 18.95 -1.23
C GLY B 103 -3.72 19.73 -0.22
N ILE B 104 -3.91 21.04 -0.23
CA ILE B 104 -3.19 21.90 0.72
C ILE B 104 -4.13 22.71 1.61
N GLY B 105 -5.30 22.14 1.89
CA GLY B 105 -6.28 22.78 2.74
C GLY B 105 -7.05 23.85 1.98
N GLN B 111 -8.18 21.70 -5.35
CA GLN B 111 -9.18 21.53 -6.40
C GLN B 111 -8.58 20.96 -7.68
N GLU B 112 -7.28 21.19 -7.91
CA GLU B 112 -6.67 20.83 -9.20
C GLU B 112 -5.81 19.56 -9.17
N GLY B 113 -5.90 18.74 -8.13
CA GLY B 113 -5.17 17.46 -8.11
C GLY B 113 -3.64 17.59 -8.17
N ARG B 114 -3.10 18.42 -7.29
CA ARG B 114 -1.67 18.79 -7.38
C ARG B 114 -0.80 18.30 -6.21
N VAL B 115 -1.40 17.91 -5.08
CA VAL B 115 -0.61 17.58 -3.88
C VAL B 115 -1.11 16.34 -3.15
N ILE B 116 -0.18 15.44 -2.85
CA ILE B 116 -0.43 14.32 -1.94
C ILE B 116 0.58 14.39 -0.79
N VAL B 117 0.10 14.07 0.41
CA VAL B 117 0.90 14.11 1.64
C VAL B 117 0.85 12.74 2.29
N ALA B 118 2.00 12.10 2.50
CA ALA B 118 2.02 10.78 3.11
C ALA B 118 2.94 10.77 4.29
N GLU B 119 2.39 10.41 5.45
CA GLU B 119 3.17 10.32 6.68
C GLU B 119 3.79 8.94 6.83
N PHE B 120 5.09 8.96 7.09
CA PHE B 120 5.84 7.77 7.43
C PHE B 120 6.39 7.89 8.88
N ASP B 121 7.13 6.86 9.29
CA ASP B 121 7.68 6.75 10.63
C ASP B 121 8.45 8.00 11.01
N SER B 122 9.45 8.33 10.20
CA SER B 122 10.44 9.36 10.53
C SER B 122 10.29 10.68 9.81
N PHE B 123 9.34 10.76 8.91
CA PHE B 123 9.20 11.94 8.10
C PHE B 123 7.87 12.01 7.40
N VAL B 124 7.54 13.20 6.90
CA VAL B 124 6.36 13.41 6.08
C VAL B 124 6.79 13.74 4.67
N LEU B 125 6.18 13.06 3.71
CA LEU B 125 6.50 13.18 2.30
C LEU B 125 5.38 13.95 1.63
N VAL B 126 5.74 15.05 0.98
CA VAL B 126 4.79 15.80 0.19
C VAL B 126 5.23 15.73 -1.28
N THR B 127 4.33 15.39 -2.19
CA THR B 127 4.67 15.55 -3.59
C THR B 127 3.72 16.52 -4.25
N ALA B 128 4.24 17.31 -5.18
CA ALA B 128 3.52 18.43 -5.72
C ALA B 128 3.77 18.60 -7.18
N TYR B 129 2.70 18.98 -7.86
CA TYR B 129 2.73 19.47 -9.20
C TYR B 129 2.32 20.92 -9.13
N VAL B 130 3.32 21.81 -9.10
CA VAL B 130 3.10 23.23 -8.86
C VAL B 130 2.55 23.84 -10.16
N PRO B 131 1.54 24.71 -10.07
CA PRO B 131 0.97 25.23 -11.31
C PRO B 131 1.91 26.03 -12.17
N ASN B 132 1.88 25.78 -13.48
CA ASN B 132 2.75 26.52 -14.39
C ASN B 132 2.17 27.91 -14.60
N ALA B 133 3.04 28.93 -14.71
CA ALA B 133 2.55 30.31 -14.85
C ALA B 133 2.00 30.56 -16.25
N GLY B 134 2.38 29.71 -17.19
CA GLY B 134 1.75 29.70 -18.50
C GLY B 134 2.49 30.52 -19.53
N ARG B 135 2.26 30.18 -20.80
CA ARG B 135 2.79 30.99 -21.87
C ARG B 135 2.13 32.36 -21.76
N GLY B 136 2.93 33.41 -21.92
CA GLY B 136 2.42 34.76 -21.72
C GLY B 136 2.08 35.10 -20.27
N LEU B 137 2.54 34.28 -19.33
CA LEU B 137 2.29 34.49 -17.91
C LEU B 137 0.82 34.65 -17.55
N VAL B 138 -0.04 34.01 -18.34
CA VAL B 138 -1.49 34.13 -18.17
C VAL B 138 -1.96 33.62 -16.80
N ARG B 139 -1.27 32.65 -16.22
CA ARG B 139 -1.65 32.15 -14.89
C ARG B 139 -0.64 32.50 -13.80
N LEU B 140 0.09 33.59 -13.97
CA LEU B 140 1.09 33.97 -12.97
C LEU B 140 0.42 34.40 -11.68
N GLU B 141 -0.70 35.10 -11.80
CA GLU B 141 -1.40 35.51 -10.59
C GLU B 141 -1.86 34.28 -9.79
N TYR B 142 -2.43 33.30 -10.49
CA TYR B 142 -2.88 32.09 -9.83
C TYR B 142 -1.65 31.39 -9.16
N ARG B 143 -0.54 31.35 -9.88
CA ARG B 143 0.67 30.70 -9.36
C ARG B 143 1.19 31.42 -8.08
N GLN B 144 1.16 32.75 -8.07
CA GLN B 144 1.59 33.47 -6.87
C GLN B 144 0.70 33.15 -5.66
N ARG B 145 -0.62 33.14 -5.86
CA ARG B 145 -1.55 32.82 -4.79
C ARG B 145 -1.33 31.40 -4.32
N TRP B 146 -1.14 30.51 -5.29
CA TRP B 146 -0.84 29.12 -4.94
C TRP B 146 0.43 28.99 -4.10
N ASP B 147 1.52 29.66 -4.53
CA ASP B 147 2.78 29.65 -3.79
C ASP B 147 2.58 30.07 -2.33
N GLU B 148 1.88 31.17 -2.13
CA GLU B 148 1.65 31.68 -0.79
C GLU B 148 0.84 30.68 0.05
N ALA B 149 -0.21 30.11 -0.51
CA ALA B 149 -1.01 29.12 0.22
C ALA B 149 -0.23 27.84 0.56
N PHE B 150 0.60 27.40 -0.37
CA PHE B 150 1.42 26.19 -0.19
C PHE B 150 2.46 26.38 0.90
N ARG B 151 3.14 27.52 0.90
CA ARG B 151 4.09 27.83 1.96
C ARG B 151 3.42 27.81 3.34
N LYS B 152 2.24 28.40 3.43
CA LYS B 152 1.54 28.46 4.71
C LYS B 152 1.13 27.05 5.14
N PHE B 153 0.64 26.26 4.19
CA PHE B 153 0.32 24.84 4.44
C PHE B 153 1.54 24.03 4.94
N LEU B 154 2.67 24.17 4.28
CA LEU B 154 3.85 23.40 4.63
C LEU B 154 4.40 23.79 5.98
N LYS B 155 4.20 25.04 6.37
CA LYS B 155 4.61 25.51 7.69
C LYS B 155 3.92 24.69 8.77
N GLY B 156 2.60 24.63 8.69
CA GLY B 156 1.81 23.76 9.55
C GLY B 156 2.23 22.30 9.58
N LEU B 157 2.78 21.79 8.49
CA LEU B 157 3.22 20.40 8.47
C LEU B 157 4.55 20.20 9.22
N ALA B 158 5.57 20.96 8.82
CA ALA B 158 6.94 20.72 9.25
C ALA B 158 7.12 21.03 10.74
N SER B 159 6.07 21.53 11.36
CA SER B 159 6.07 21.80 12.80
C SER B 159 5.84 20.54 13.62
N ARG B 160 5.84 19.38 12.97
CA ARG B 160 5.60 18.08 13.63
C ARG B 160 6.67 17.04 13.33
N LYS B 161 6.78 16.61 12.07
CA LYS B 161 7.84 15.68 11.65
C LYS B 161 8.72 16.38 10.59
N PRO B 162 9.96 15.94 10.41
CA PRO B 162 10.68 16.54 9.29
C PRO B 162 9.98 16.23 7.96
N LEU B 163 10.23 17.11 7.01
CA LEU B 163 9.55 17.07 5.74
C LEU B 163 10.48 16.74 4.58
N VAL B 164 10.00 15.94 3.63
CA VAL B 164 10.59 15.80 2.30
C VAL B 164 9.53 16.27 1.31
N LEU B 165 9.86 17.26 0.50
CA LEU B 165 8.97 17.77 -0.54
C LEU B 165 9.62 17.47 -1.87
N CYS B 166 8.90 16.81 -2.77
CA CYS B 166 9.43 16.54 -4.08
C CYS B 166 8.41 16.80 -5.17
N GLY B 167 8.91 16.97 -6.39
CA GLY B 167 8.06 17.04 -7.56
C GLY B 167 8.47 18.14 -8.49
N ASN B 168 7.56 18.48 -9.37
CA ASN B 168 7.76 19.52 -10.36
C ASN B 168 7.32 20.86 -9.78
N LEU B 169 8.29 21.68 -9.32
CA LEU B 169 8.01 22.91 -8.62
C LEU B 169 7.92 24.08 -9.63
N ASN B 170 8.19 23.77 -10.89
CA ASN B 170 7.93 24.70 -11.99
C ASN B 170 8.60 26.05 -11.76
N VAL B 171 9.82 25.97 -11.26
CA VAL B 171 10.70 27.13 -11.19
C VAL B 171 12.14 26.67 -11.18
N ALA B 172 12.96 27.44 -11.89
CA ALA B 172 14.41 27.30 -11.85
C ALA B 172 14.88 28.38 -10.85
N HIS B 173 15.35 27.97 -9.69
CA HIS B 173 15.60 28.95 -8.62
C HIS B 173 16.58 30.06 -9.02
N GLU B 174 17.72 29.67 -9.58
CA GLU B 174 18.79 30.62 -9.88
C GLU B 174 19.31 30.41 -11.30
N GLU B 175 20.21 31.28 -11.73
CA GLU B 175 20.67 31.25 -13.10
C GLU B 175 21.32 29.92 -13.43
N ILE B 176 21.96 29.30 -12.45
CA ILE B 176 22.63 28.04 -12.67
C ILE B 176 21.62 26.92 -12.98
N ASP B 177 20.34 27.18 -12.70
CA ASP B 177 19.30 26.13 -12.84
C ASP B 177 18.67 26.09 -14.20
N LEU B 178 19.15 26.90 -15.13
CA LEU B 178 18.69 26.72 -16.50
C LEU B 178 19.73 27.20 -17.50
N ARG B 179 19.58 26.75 -18.74
CA ARG B 179 20.59 27.01 -19.79
C ARG B 179 20.61 28.45 -20.28
N ASN B 180 19.41 29.04 -20.43
CA ASN B 180 19.22 30.39 -20.96
C ASN B 180 18.61 31.36 -19.95
N PRO B 181 19.33 31.68 -18.87
CA PRO B 181 18.72 32.57 -17.87
C PRO B 181 18.36 33.94 -18.46
N LYS B 182 19.20 34.47 -19.36
CA LYS B 182 18.97 35.82 -19.86
C LYS B 182 17.71 35.95 -20.71
N GLY B 183 17.38 34.94 -21.49
CA GLY B 183 16.21 34.99 -22.36
C GLY B 183 14.89 34.65 -21.69
N ASN B 184 14.93 34.27 -20.41
CA ASN B 184 13.76 33.70 -19.75
C ASN B 184 13.29 34.45 -18.52
N LYS B 185 13.85 35.64 -18.30
CA LYS B 185 13.51 36.42 -17.12
C LYS B 185 12.05 36.91 -17.10
N LYS B 186 11.36 36.88 -18.23
CA LYS B 186 9.94 37.20 -18.27
C LYS B 186 9.11 36.00 -18.69
N ASN B 187 9.67 34.79 -18.53
CA ASN B 187 8.99 33.56 -18.95
C ASN B 187 8.64 32.71 -17.76
N ALA B 188 7.55 31.94 -17.87
CA ALA B 188 7.14 31.02 -16.82
C ALA B 188 8.29 30.15 -16.37
N GLY B 189 8.50 30.12 -15.05
CA GLY B 189 9.53 29.29 -14.46
C GLY B 189 10.77 30.06 -14.05
N PHE B 190 10.91 31.28 -14.56
CA PHE B 190 12.08 32.09 -14.19
C PHE B 190 11.74 33.55 -14.00
N THR B 191 10.47 33.82 -13.70
CA THR B 191 10.06 35.18 -13.34
C THR B 191 10.66 35.55 -11.99
N PRO B 192 10.85 36.86 -11.76
CA PRO B 192 11.30 37.27 -10.42
C PRO B 192 10.35 36.80 -9.33
N GLN B 193 9.07 36.85 -9.63
CA GLN B 193 8.04 36.41 -8.69
C GLN B 193 8.18 34.93 -8.34
N GLU B 194 8.27 34.06 -9.35
CA GLU B 194 8.40 32.65 -9.03
C GLU B 194 9.70 32.36 -8.29
N ARG B 195 10.77 33.04 -8.66
CA ARG B 195 12.07 32.79 -8.04
C ARG B 195 12.03 33.22 -6.58
N GLN B 196 11.38 34.35 -6.32
CA GLN B 196 11.21 34.82 -4.95
C GLN B 196 10.42 33.83 -4.12
N GLY B 197 9.35 33.30 -4.70
CA GLY B 197 8.50 32.38 -3.96
C GLY B 197 9.29 31.14 -3.56
N PHE B 198 10.19 30.71 -4.42
CA PHE B 198 11.00 29.52 -4.13
C PHE B 198 11.95 29.82 -2.97
N GLY B 199 12.58 31.00 -3.01
CA GLY B 199 13.42 31.44 -1.90
C GLY B 199 12.68 31.52 -0.58
N GLU B 200 11.45 32.02 -0.64
CA GLU B 200 10.63 32.14 0.55
C GLU B 200 10.26 30.75 1.07
N LEU B 201 10.06 29.82 0.16
CA LEU B 201 9.72 28.46 0.53
C LEU B 201 10.87 27.87 1.35
N LEU B 202 12.11 28.05 0.87
CA LEU B 202 13.28 27.54 1.55
C LEU B 202 13.48 28.19 2.91
N GLN B 203 13.26 29.49 2.95
CA GLN B 203 13.53 30.28 4.14
C GLN B 203 12.45 30.11 5.19
N ALA B 204 11.19 30.11 4.78
CA ALA B 204 10.09 30.17 5.73
C ALA B 204 9.69 28.82 6.33
N VAL B 205 9.86 27.72 5.60
CA VAL B 205 9.39 26.44 6.12
C VAL B 205 10.20 25.93 7.34
N PRO B 206 11.54 25.88 7.28
CA PRO B 206 12.53 26.05 6.23
C PRO B 206 12.82 24.73 5.54
N LEU B 207 13.44 24.81 4.36
CA LEU B 207 13.84 23.64 3.60
C LEU B 207 15.16 23.90 2.94
N ALA B 208 15.92 22.83 2.69
CA ALA B 208 17.14 22.87 1.89
C ALA B 208 16.92 22.18 0.56
N ASP B 209 17.56 22.68 -0.48
CA ASP B 209 17.55 22.08 -1.82
C ASP B 209 18.61 21.00 -1.87
N SER B 210 18.18 19.74 -1.86
CA SER B 210 19.10 18.63 -1.66
C SER B 210 20.17 18.58 -2.72
N PHE B 211 19.78 18.68 -3.99
CA PHE B 211 20.77 18.61 -5.05
C PHE B 211 21.76 19.76 -4.95
N ARG B 212 21.26 20.97 -4.75
CA ARG B 212 22.13 22.15 -4.80
C ARG B 212 23.01 22.16 -3.55
N HIS B 213 22.50 21.62 -2.45
CA HIS B 213 23.28 21.51 -1.22
C HIS B 213 24.56 20.67 -1.42
N LEU B 214 24.41 19.56 -2.09
CA LEU B 214 25.50 18.63 -2.41
C LEU B 214 26.37 19.09 -3.56
N TYR B 215 25.76 19.81 -4.50
CA TYR B 215 26.42 20.19 -5.75
C TYR B 215 26.26 21.70 -6.03
N PRO B 216 26.79 22.56 -5.13
CA PRO B 216 26.49 23.99 -5.19
C PRO B 216 27.02 24.71 -6.42
N ASN B 217 28.09 24.22 -7.03
CA ASN B 217 28.71 24.86 -8.17
C ASN B 217 28.58 24.08 -9.48
N THR B 218 27.64 23.15 -9.56
CA THR B 218 27.50 22.31 -10.73
C THR B 218 26.49 22.87 -11.74
N PRO B 219 26.96 23.32 -12.90
CA PRO B 219 26.06 23.83 -13.93
C PRO B 219 25.55 22.75 -14.86
N TYR B 220 24.60 23.12 -15.71
CA TYR B 220 24.10 22.28 -16.78
C TYR B 220 23.36 21.04 -16.28
N ALA B 221 22.92 21.05 -15.04
CA ALA B 221 22.16 19.91 -14.49
C ALA B 221 20.69 20.27 -14.49
N TYR B 222 19.95 19.70 -15.43
CA TYR B 222 18.54 20.02 -15.66
C TYR B 222 17.66 18.76 -15.54
N THR B 223 16.35 18.97 -15.40
CA THR B 223 15.37 17.89 -15.33
C THR B 223 14.24 18.05 -16.34
N PHE B 224 14.25 19.13 -17.11
CA PHE B 224 13.23 19.37 -18.12
C PHE B 224 13.87 19.98 -19.34
N TRP B 225 13.33 19.61 -20.50
CA TRP B 225 13.75 20.15 -21.79
C TRP B 225 12.53 20.19 -22.67
N THR B 226 12.30 21.30 -23.36
CA THR B 226 11.22 21.37 -24.32
C THR B 226 11.38 20.25 -25.35
N TYR B 227 10.27 19.61 -25.69
CA TYR B 227 10.24 18.66 -26.78
C TYR B 227 10.72 19.29 -28.09
N MET B 228 10.54 20.59 -28.21
CA MET B 228 10.89 21.26 -29.46
C MET B 228 12.37 21.55 -29.62
N MET B 229 12.77 21.77 -30.86
CA MET B 229 14.11 22.26 -31.21
C MET B 229 15.25 21.35 -30.72
N ASN B 230 14.97 20.07 -30.57
CA ASN B 230 15.98 19.10 -30.18
C ASN B 230 16.68 19.53 -28.91
N ALA B 231 15.94 20.20 -28.04
CA ALA B 231 16.53 20.79 -26.85
C ALA B 231 17.21 19.77 -25.95
N ARG B 232 16.57 18.63 -25.71
CA ARG B 232 17.16 17.65 -24.81
C ARG B 232 18.52 17.15 -25.31
N SER B 233 18.64 16.87 -26.61
CA SER B 233 19.90 16.40 -27.17
C SER B 233 21.02 17.46 -27.06
N LYS B 234 20.62 18.72 -27.02
CA LYS B 234 21.57 19.82 -26.83
C LYS B 234 21.71 20.23 -25.36
N ASN B 235 21.05 19.50 -24.47
CA ASN B 235 20.95 19.85 -23.07
C ASN B 235 20.58 21.33 -22.85
N VAL B 236 19.64 21.83 -23.63
CA VAL B 236 19.05 23.14 -23.36
C VAL B 236 17.83 22.92 -22.47
N GLY B 237 18.06 23.04 -21.15
CA GLY B 237 17.05 22.62 -20.20
C GLY B 237 16.92 23.52 -19.00
N TRP B 238 16.09 23.05 -18.08
CA TRP B 238 15.73 23.71 -16.82
C TRP B 238 15.75 22.69 -15.68
N ARG B 239 16.20 23.07 -14.50
CA ARG B 239 16.02 22.22 -13.32
C ARG B 239 14.73 22.65 -12.62
N LEU B 240 13.67 21.88 -12.84
CA LEU B 240 12.33 22.21 -12.32
C LEU B 240 11.86 21.23 -11.24
N ASP B 241 12.55 20.10 -11.16
CA ASP B 241 12.19 19.01 -10.26
C ASP B 241 13.20 18.90 -9.11
N TYR B 242 12.68 18.87 -7.89
CA TYR B 242 13.49 19.01 -6.68
C TYR B 242 13.14 17.99 -5.62
N PHE B 243 14.12 17.68 -4.78
CA PHE B 243 13.90 17.16 -3.44
C PHE B 243 14.32 18.21 -2.44
N LEU B 244 13.36 18.76 -1.73
CA LEU B 244 13.63 19.73 -0.66
C LEU B 244 13.45 19.04 0.70
N LEU B 245 14.34 19.34 1.64
CA LEU B 245 14.38 18.60 2.90
C LEU B 245 14.42 19.52 4.10
N SER B 246 13.81 19.11 5.20
CA SER B 246 14.05 19.81 6.47
C SER B 246 15.53 19.78 6.82
N HIS B 247 16.04 20.83 7.45
CA HIS B 247 17.45 20.87 7.83
C HIS B 247 17.87 19.67 8.67
N SER B 248 16.97 19.20 9.52
CA SER B 248 17.27 18.06 10.42
C SER B 248 17.55 16.75 9.69
N LEU B 249 17.16 16.70 8.42
CA LEU B 249 17.41 15.55 7.58
C LEU B 249 18.73 15.60 6.82
N LEU B 250 19.44 16.72 6.86
CA LEU B 250 20.65 16.82 6.04
C LEU B 250 21.72 15.79 6.45
N PRO B 251 21.82 15.49 7.75
CA PRO B 251 22.74 14.42 8.14
C PRO B 251 22.34 13.05 7.58
N ALA B 252 21.07 12.87 7.20
CA ALA B 252 20.61 11.61 6.63
C ALA B 252 20.78 11.56 5.10
N LEU B 253 21.07 12.70 4.51
CA LEU B 253 21.17 12.81 3.05
C LEU B 253 22.42 12.13 2.51
N CYS B 254 22.22 11.14 1.64
CA CYS B 254 23.31 10.44 0.95
C CYS B 254 23.58 11.00 -0.43
N ASP B 255 22.53 11.18 -1.21
CA ASP B 255 22.70 11.75 -2.53
C ASP B 255 21.36 12.19 -3.10
N SER B 256 21.42 13.06 -4.09
CA SER B 256 20.26 13.56 -4.80
C SER B 256 20.60 13.47 -6.29
N LYS B 257 19.91 12.61 -7.03
CA LYS B 257 20.29 12.26 -8.39
C LYS B 257 19.39 12.86 -9.44
N ILE B 258 19.98 13.05 -10.62
CA ILE B 258 19.25 13.46 -11.80
C ILE B 258 19.47 12.40 -12.86
N ARG B 259 18.39 11.70 -13.22
CA ARG B 259 18.49 10.53 -14.10
C ARG B 259 18.32 10.94 -15.55
N SER B 260 19.35 11.60 -16.08
CA SER B 260 19.24 12.31 -17.36
C SER B 260 18.89 11.40 -18.54
N LYS B 261 19.25 10.13 -18.43
CA LYS B 261 19.15 9.21 -19.59
C LYS B 261 17.79 8.55 -19.71
N ALA B 262 17.01 8.59 -18.63
CA ALA B 262 15.70 7.96 -18.63
C ALA B 262 14.68 8.72 -19.44
N LEU B 263 14.20 8.09 -20.50
CA LEU B 263 13.28 8.71 -21.41
C LEU B 263 11.83 8.41 -21.05
N GLY B 264 10.91 9.03 -21.77
CA GLY B 264 9.47 8.82 -21.59
C GLY B 264 8.64 10.03 -21.25
N SER B 265 9.29 11.18 -21.08
CA SER B 265 8.62 12.43 -20.74
C SER B 265 9.50 13.60 -21.20
N ASP B 266 9.03 14.83 -21.06
CA ASP B 266 9.92 15.96 -21.27
C ASP B 266 10.61 16.34 -19.96
N HIS B 267 10.26 15.65 -18.87
CA HIS B 267 11.09 15.64 -17.67
C HIS B 267 11.76 14.32 -17.48
N CYS B 268 12.90 14.33 -16.80
CA CYS B 268 13.56 13.09 -16.38
C CYS B 268 13.32 12.85 -14.90
N PRO B 269 13.53 11.59 -14.44
CA PRO B 269 13.38 11.26 -13.04
C PRO B 269 14.46 11.88 -12.17
N ILE B 270 14.13 12.08 -10.90
CA ILE B 270 15.12 12.40 -9.87
C ILE B 270 14.98 11.37 -8.72
N THR B 271 16.10 11.09 -8.06
CA THR B 271 16.14 10.09 -7.01
C THR B 271 16.92 10.60 -5.79
N LEU B 272 16.35 10.28 -4.63
CA LEU B 272 16.86 10.70 -3.34
C LEU B 272 17.24 9.47 -2.56
N TYR B 273 18.43 9.49 -1.96
CA TYR B 273 18.84 8.45 -1.02
C TYR B 273 18.97 9.06 0.36
N LEU B 274 18.30 8.47 1.33
CA LEU B 274 18.43 8.86 2.73
C LEU B 274 18.82 7.69 3.63
N ALA B 275 19.64 7.96 4.63
CA ALA B 275 19.99 6.95 5.62
C ALA B 275 19.19 7.22 6.88
N LEU B 276 18.11 6.47 7.08
CA LEU B 276 17.20 6.73 8.18
C LEU B 276 17.23 5.63 9.23
#